data_8SUD
#
_entry.id   8SUD
#
_cell.length_a   78.780
_cell.length_b   89.760
_cell.length_c   99.940
_cell.angle_alpha   90.000
_cell.angle_beta   90.000
_cell.angle_gamma   90.000
#
_symmetry.space_group_name_H-M   'P 21 21 21'
#
loop_
_entity.id
_entity.type
_entity.pdbx_description
1 polymer 'Importin subunit alpha-1'
2 polymer 'Large T antigen'
3 water water
#
loop_
_entity_poly.entity_id
_entity_poly.type
_entity_poly.pdbx_seq_one_letter_code
_entity_poly.pdbx_strand_id
1 'polypeptide(L)'
;MHHHHHHSSGLVPRGSGMLETAAALFERNHMDSPDLGTDDDDLAMADIGSNQGTVNWSVEDIVKGINSNNLESQLQATQA
ARKLLSREKQPPIDNIIRAGLIPKFVSFLGKTDCSPIQFESAWALTNIASGTSEQTKAVVDGGAIPAFISLLASPHAHIS
EQAVWALGNIAGDGSAFRDLVIKHGAIDPLLALLAVPDLSTLACGYLRNLTWTLSNLCRNKNPAPPLDAVEQILPTLVRL
LHHNDPEVLADSCWAISYLTDGPNERIEMVVKKGVVPQLVKLLGATELPIVTPALRAIGNIVTGTDEQTQKVIDAGALAV
FPSLLTNPKTNIQKEATWTMSNITAGRQDQIQQVVNHGLVPFLVGVLSKADFKTQKEAAWAITNYTSGGTVEQIVYLVHC
GIIEPLMNLLSAKDTKIIQVILDAISNIFQAAEKLGETEKLSIMIEECGGLDKIEALQRHENESVYKASLNLIEKYFSVE
EEEDQNVVPETTSEGFAFQVQDGAPGTFNF
;
A
2 'polypeptide(L)' MFASDDENTGSQHSTPPKKKKKV B
#
# COMPACT_ATOMS: atom_id res chain seq x y z
N GLY A 53 -1.74 18.01 38.59
CA GLY A 53 -0.32 18.12 38.90
C GLY A 53 0.49 18.66 37.74
N THR A 54 0.50 17.92 36.64
CA THR A 54 1.22 18.31 35.43
C THR A 54 0.24 18.50 34.26
N VAL A 55 -0.97 18.99 34.55
CA VAL A 55 -2.04 19.10 33.56
C VAL A 55 -2.30 20.57 33.29
N ASN A 56 -2.37 20.93 32.01
CA ASN A 56 -2.69 22.27 31.55
C ASN A 56 -1.60 23.29 31.90
N TRP A 57 -0.35 22.84 31.94
CA TRP A 57 0.77 23.74 32.16
C TRP A 57 0.90 24.70 30.97
N SER A 58 1.48 25.87 31.24
CA SER A 58 1.87 26.77 30.18
C SER A 58 3.24 26.38 29.64
N VAL A 59 3.51 26.77 28.40
CA VAL A 59 4.83 26.51 27.83
C VAL A 59 5.91 27.21 28.64
N GLU A 60 5.60 28.39 29.17
CA GLU A 60 6.57 29.11 29.98
C GLU A 60 6.87 28.36 31.28
N ASP A 61 5.85 27.79 31.91
CA ASP A 61 6.09 26.98 33.11
C ASP A 61 6.91 25.74 32.80
N ILE A 62 6.61 25.09 31.67
CA ILE A 62 7.41 23.93 31.25
C ILE A 62 8.87 24.33 31.08
N VAL A 63 9.10 25.48 30.44
CA VAL A 63 10.48 25.94 30.22
C VAL A 63 11.14 26.25 31.55
N LYS A 64 10.41 26.88 32.48
CA LYS A 64 10.99 27.19 33.78
C LYS A 64 11.38 25.92 34.52
N GLY A 65 10.53 24.89 34.47
CA GLY A 65 10.86 23.64 35.14
C GLY A 65 12.02 22.92 34.50
N ILE A 66 12.06 22.88 33.16
CA ILE A 66 13.13 22.16 32.48
C ILE A 66 14.45 22.90 32.63
N ASN A 67 14.41 24.23 32.73
CA ASN A 67 15.62 25.02 32.88
C ASN A 67 16.13 25.05 34.32
N SER A 68 15.34 24.60 35.28
CA SER A 68 15.84 24.40 36.63
C SER A 68 16.94 23.34 36.61
N ASN A 69 17.80 23.40 37.62
CA ASN A 69 18.84 22.38 37.79
C ASN A 69 18.40 21.25 38.72
N ASN A 70 17.11 20.94 38.71
CA ASN A 70 16.51 19.95 39.60
C ASN A 70 15.89 18.87 38.72
N LEU A 71 16.46 17.66 38.75
CA LEU A 71 15.99 16.60 37.87
C LEU A 71 14.53 16.27 38.13
N GLU A 72 14.07 16.35 39.38
CA GLU A 72 12.67 16.05 39.67
C GLU A 72 11.76 17.13 39.09
N SER A 73 12.15 18.41 39.24
CA SER A 73 11.39 19.48 38.60
C SER A 73 11.41 19.35 37.09
N GLN A 74 12.58 18.98 36.53
CA GLN A 74 12.67 18.76 35.09
C GLN A 74 11.75 17.63 34.66
N LEU A 75 11.66 16.59 35.47
CA LEU A 75 10.80 15.45 35.15
C LEU A 75 9.32 15.86 35.16
N GLN A 76 8.92 16.62 36.17
CA GLN A 76 7.53 17.05 36.21
C GLN A 76 7.19 17.98 35.04
N ALA A 77 8.12 18.87 34.69
CA ALA A 77 7.88 19.74 33.54
C ALA A 77 7.83 18.94 32.24
N THR A 78 8.67 17.90 32.12
CA THR A 78 8.65 17.09 30.91
C THR A 78 7.33 16.32 30.80
N GLN A 79 6.83 15.80 31.93
CA GLN A 79 5.52 15.16 31.91
C GLN A 79 4.43 16.15 31.53
N ALA A 80 4.52 17.38 32.04
CA ALA A 80 3.56 18.41 31.63
C ALA A 80 3.61 18.64 30.13
N ALA A 81 4.82 18.70 29.57
CA ALA A 81 4.96 18.85 28.12
C ALA A 81 4.35 17.67 27.39
N ARG A 82 4.59 16.45 27.87
CA ARG A 82 4.01 15.28 27.24
C ARG A 82 2.49 15.36 27.22
N LYS A 83 1.90 15.74 28.35
CA LYS A 83 0.44 15.83 28.41
C LYS A 83 -0.08 16.93 27.51
N LEU A 84 0.67 18.03 27.39
CA LEU A 84 0.27 19.10 26.47
C LEU A 84 0.32 18.62 25.02
N LEU A 85 1.39 17.91 24.65
CA LEU A 85 1.57 17.42 23.29
C LEU A 85 0.66 16.24 22.98
N SER A 86 0.02 15.65 23.99
CA SER A 86 -0.96 14.59 23.79
C SER A 86 -2.39 15.12 23.71
N ARG A 87 -2.57 16.43 23.85
CA ARG A 87 -3.90 17.03 23.77
C ARG A 87 -4.52 16.75 22.41
N GLU A 88 -5.80 16.40 22.41
CA GLU A 88 -6.48 16.05 21.17
C GLU A 88 -6.59 17.24 20.22
N LYS A 89 -6.70 18.46 20.76
CA LYS A 89 -6.97 19.65 19.95
C LYS A 89 -5.74 20.53 19.91
N GLN A 90 -5.27 20.85 18.70
CA GLN A 90 -4.15 21.75 18.46
C GLN A 90 -3.08 21.65 19.53
N PRO A 91 -2.39 20.52 19.65
CA PRO A 91 -1.24 20.46 20.56
C PRO A 91 -0.21 21.50 20.18
N PRO A 92 0.37 22.20 21.15
CA PRO A 92 1.22 23.37 20.83
C PRO A 92 2.63 22.98 20.41
N ILE A 93 2.73 22.16 19.36
CA ILE A 93 4.03 21.65 18.92
C ILE A 93 4.97 22.79 18.59
N ASP A 94 4.51 23.73 17.78
CA ASP A 94 5.40 24.79 17.30
C ASP A 94 5.89 25.66 18.45
N ASN A 95 5.03 25.94 19.44
CA ASN A 95 5.47 26.69 20.59
C ASN A 95 6.53 25.92 21.39
N ILE A 96 6.33 24.61 21.55
CA ILE A 96 7.32 23.79 22.24
C ILE A 96 8.66 23.86 21.52
N ILE A 97 8.65 23.78 20.19
CA ILE A 97 9.89 23.84 19.42
C ILE A 97 10.54 25.22 19.59
N ARG A 98 9.73 26.28 19.44
CA ARG A 98 10.26 27.64 19.54
C ARG A 98 10.96 27.86 20.88
N ALA A 99 10.42 27.30 21.95
CA ALA A 99 11.03 27.45 23.27
C ALA A 99 12.38 26.76 23.38
N GLY A 100 12.80 26.01 22.36
CA GLY A 100 14.09 25.35 22.40
C GLY A 100 14.12 24.12 23.28
N LEU A 101 13.01 23.41 23.42
CA LEU A 101 12.93 22.29 24.34
C LEU A 101 13.41 20.97 23.76
N ILE A 102 13.47 20.83 22.43
CA ILE A 102 13.85 19.55 21.84
C ILE A 102 15.22 19.09 22.31
N PRO A 103 16.27 19.92 22.31
CA PRO A 103 17.58 19.44 22.79
C PRO A 103 17.54 18.97 24.24
N LYS A 104 16.72 19.60 25.08
CA LYS A 104 16.61 19.15 26.47
C LYS A 104 15.97 17.78 26.56
N PHE A 105 14.89 17.56 25.80
CA PHE A 105 14.28 16.24 25.75
C PHE A 105 15.29 15.20 25.27
N VAL A 106 16.04 15.51 24.21
CA VAL A 106 17.00 14.56 23.67
C VAL A 106 18.04 14.22 24.74
N SER A 107 18.52 15.22 25.46
CA SER A 107 19.46 14.96 26.56
C SER A 107 18.82 14.07 27.61
N PHE A 108 17.54 14.29 27.92
CA PHE A 108 16.85 13.47 28.92
C PHE A 108 16.75 12.02 28.46
N LEU A 109 16.71 11.79 27.15
CA LEU A 109 16.68 10.40 26.67
C LEU A 109 17.85 9.58 27.20
N GLY A 110 18.97 10.23 27.50
CA GLY A 110 20.15 9.55 27.99
C GLY A 110 20.27 9.44 29.50
N LYS A 111 19.22 9.78 30.25
CA LYS A 111 19.26 9.73 31.71
C LYS A 111 18.88 8.32 32.16
N THR A 112 19.85 7.40 32.03
CA THR A 112 19.60 6.01 32.41
C THR A 112 19.22 5.89 33.89
N ASP A 113 19.71 6.81 34.72
CA ASP A 113 19.39 6.77 36.15
C ASP A 113 17.97 7.24 36.45
N CYS A 114 17.33 7.94 35.53
CA CYS A 114 15.96 8.42 35.70
C CYS A 114 15.12 7.90 34.53
N SER A 115 14.74 6.63 34.61
CA SER A 115 13.88 6.04 33.58
C SER A 115 12.60 6.83 33.35
N PRO A 116 11.94 7.40 34.36
CA PRO A 116 10.71 8.16 34.08
C PRO A 116 10.93 9.32 33.14
N ILE A 117 12.02 10.07 33.29
CA ILE A 117 12.24 11.21 32.39
C ILE A 117 12.61 10.73 31.00
N GLN A 118 13.33 9.60 30.89
CA GLN A 118 13.54 9.00 29.59
C GLN A 118 12.20 8.74 28.90
N PHE A 119 11.26 8.12 29.62
CA PHE A 119 9.98 7.78 29.01
C PHE A 119 9.18 9.02 28.64
N GLU A 120 9.12 10.00 29.55
CA GLU A 120 8.33 11.19 29.28
C GLU A 120 8.90 11.98 28.10
N SER A 121 10.23 12.14 28.05
CA SER A 121 10.84 12.84 26.93
CA SER A 121 10.85 12.83 26.93
C SER A 121 10.65 12.05 25.64
N ALA A 122 10.72 10.72 25.71
CA ALA A 122 10.50 9.91 24.52
C ALA A 122 9.09 10.11 23.97
N TRP A 123 8.10 10.12 24.85
CA TRP A 123 6.71 10.33 24.45
C TRP A 123 6.52 11.72 23.85
N ALA A 124 7.06 12.75 24.52
CA ALA A 124 6.95 14.11 24.01
C ALA A 124 7.58 14.22 22.61
N LEU A 125 8.79 13.69 22.46
CA LEU A 125 9.46 13.75 21.17
C LEU A 125 8.73 12.93 20.12
N THR A 126 8.11 11.82 20.52
CA THR A 126 7.30 11.05 19.61
C THR A 126 6.16 11.89 19.07
N ASN A 127 5.49 12.65 19.95
CA ASN A 127 4.34 13.44 19.53
C ASN A 127 4.75 14.69 18.76
N ILE A 128 5.98 15.16 18.93
CA ILE A 128 6.46 16.21 18.03
C ILE A 128 6.78 15.61 16.67
N ALA A 129 7.47 14.47 16.63
CA ALA A 129 7.83 13.82 15.38
C ALA A 129 6.62 13.30 14.62
N SER A 130 5.45 13.24 15.25
CA SER A 130 4.23 12.78 14.60
C SER A 130 3.57 13.86 13.76
N GLY A 131 4.11 15.07 13.74
CA GLY A 131 3.49 16.20 13.06
C GLY A 131 4.04 16.42 11.66
N THR A 132 4.22 17.69 11.31
CA THR A 132 4.68 18.04 9.97
C THR A 132 6.10 17.55 9.74
N SER A 133 6.49 17.55 8.46
CA SER A 133 7.89 17.22 8.13
C SER A 133 8.84 18.21 8.77
N GLU A 134 8.43 19.46 8.93
CA GLU A 134 9.29 20.44 9.60
C GLU A 134 9.43 20.12 11.08
N GLN A 135 8.35 19.68 11.72
CA GLN A 135 8.42 19.32 13.14
C GLN A 135 9.24 18.03 13.34
N THR A 136 9.00 17.03 12.50
CA THR A 136 9.84 15.83 12.53
C THR A 136 11.29 16.20 12.30
N LYS A 137 11.54 17.14 11.38
CA LYS A 137 12.91 17.57 11.11
C LYS A 137 13.52 18.24 12.34
N ALA A 138 12.72 19.01 13.06
CA ALA A 138 13.23 19.62 14.29
C ALA A 138 13.65 18.54 15.27
N VAL A 139 12.87 17.46 15.38
CA VAL A 139 13.26 16.36 16.25
C VAL A 139 14.59 15.76 15.78
N VAL A 140 14.69 15.46 14.48
CA VAL A 140 15.91 14.84 13.96
C VAL A 140 17.12 15.75 14.18
N ASP A 141 16.94 17.06 13.96
CA ASP A 141 18.05 17.99 14.08
C ASP A 141 18.57 18.08 15.51
N GLY A 142 17.74 17.74 16.49
CA GLY A 142 18.17 17.69 17.87
C GLY A 142 19.03 16.49 18.23
N GLY A 143 19.32 15.61 17.27
CA GLY A 143 20.11 14.43 17.55
C GLY A 143 19.32 13.27 18.10
N ALA A 144 18.02 13.21 17.83
CA ALA A 144 17.16 12.23 18.48
C ALA A 144 17.35 10.81 17.94
N ILE A 145 17.78 10.66 16.69
CA ILE A 145 17.82 9.33 16.07
C ILE A 145 18.75 8.40 16.86
N PRO A 146 20.03 8.76 17.05
CA PRO A 146 20.91 7.85 17.79
C PRO A 146 20.49 7.63 19.23
N ALA A 147 19.91 8.65 19.87
CA ALA A 147 19.46 8.47 21.25
C ALA A 147 18.30 7.48 21.33
N PHE A 148 17.36 7.55 20.39
CA PHE A 148 16.27 6.56 20.38
C PHE A 148 16.79 5.18 20.06
N ILE A 149 17.75 5.07 19.13
CA ILE A 149 18.32 3.77 18.81
C ILE A 149 19.00 3.19 20.04
N SER A 150 19.68 4.03 20.82
CA SER A 150 20.28 3.57 22.07
C SER A 150 19.20 3.11 23.05
N LEU A 151 18.06 3.81 23.09
CA LEU A 151 16.99 3.42 24.00
C LEU A 151 16.33 2.11 23.58
N LEU A 152 16.45 1.73 22.31
CA LEU A 152 15.87 0.45 21.89
C LEU A 152 16.30 -0.71 22.79
N ALA A 153 17.49 -0.60 23.41
CA ALA A 153 18.01 -1.63 24.28
C ALA A 153 17.64 -1.43 25.75
N SER A 154 16.73 -0.52 26.05
CA SER A 154 16.40 -0.23 27.44
C SER A 154 15.86 -1.49 28.12
N PRO A 155 16.15 -1.68 29.41
CA PRO A 155 15.53 -2.80 30.14
C PRO A 155 14.03 -2.62 30.34
N HIS A 156 13.53 -1.40 30.22
CA HIS A 156 12.10 -1.12 30.42
C HIS A 156 11.37 -1.25 29.10
N ALA A 157 10.39 -2.16 29.05
CA ALA A 157 9.72 -2.43 27.80
C ALA A 157 8.97 -1.21 27.27
N HIS A 158 8.40 -0.39 28.16
CA HIS A 158 7.63 0.76 27.68
C HIS A 158 8.55 1.83 27.08
N ILE A 159 9.78 1.96 27.58
CA ILE A 159 10.72 2.91 27.01
C ILE A 159 11.21 2.43 25.65
N SER A 160 11.56 1.14 25.55
CA SER A 160 11.95 0.60 24.25
CA SER A 160 11.95 0.60 24.25
C SER A 160 10.82 0.73 23.25
N GLU A 161 9.58 0.46 23.67
CA GLU A 161 8.43 0.63 22.80
C GLU A 161 8.30 2.08 22.33
N GLN A 162 8.46 3.03 23.25
CA GLN A 162 8.36 4.44 22.87
C GLN A 162 9.44 4.80 21.86
N ALA A 163 10.64 4.26 22.03
CA ALA A 163 11.71 4.52 21.06
C ALA A 163 11.36 3.94 19.71
N VAL A 164 10.82 2.72 19.68
CA VAL A 164 10.35 2.13 18.43
C VAL A 164 9.34 3.05 17.75
N TRP A 165 8.38 3.55 18.53
CA TRP A 165 7.35 4.44 17.99
C TRP A 165 7.95 5.71 17.41
N ALA A 166 8.86 6.34 18.15
CA ALA A 166 9.48 7.58 17.68
C ALA A 166 10.24 7.35 16.38
N LEU A 167 11.02 6.27 16.33
CA LEU A 167 11.74 5.96 15.11
C LEU A 167 10.77 5.68 13.96
N GLY A 168 9.61 5.09 14.26
CA GLY A 168 8.60 4.89 13.23
C GLY A 168 8.10 6.19 12.65
N ASN A 169 7.82 7.17 13.51
CA ASN A 169 7.39 8.48 13.02
C ASN A 169 8.46 9.12 12.14
N ILE A 170 9.71 9.12 12.65
CA ILE A 170 10.80 9.74 11.89
C ILE A 170 10.94 9.08 10.52
N ALA A 171 11.00 7.74 10.49
CA ALA A 171 11.14 7.05 9.22
C ALA A 171 9.93 7.25 8.33
N GLY A 172 8.73 7.37 8.92
CA GLY A 172 7.53 7.59 8.12
C GLY A 172 7.46 8.95 7.48
N ASP A 173 8.30 9.89 7.93
CA ASP A 173 8.35 11.19 7.25
C ASP A 173 8.64 11.04 5.75
N GLY A 174 9.54 10.14 5.37
CA GLY A 174 9.92 10.03 3.98
C GLY A 174 11.20 9.26 3.80
N SER A 175 11.61 9.16 2.54
CA SER A 175 12.74 8.29 2.18
C SER A 175 14.04 8.76 2.80
N ALA A 176 14.25 10.07 2.91
CA ALA A 176 15.52 10.57 3.43
C ALA A 176 15.68 10.26 4.92
N PHE A 177 14.66 10.57 5.73
CA PHE A 177 14.73 10.25 7.14
C PHE A 177 14.68 8.74 7.37
N ARG A 178 13.96 8.00 6.52
CA ARG A 178 13.97 6.54 6.59
C ARG A 178 15.40 6.01 6.43
N ASP A 179 16.07 6.46 5.36
CA ASP A 179 17.43 5.99 5.11
C ASP A 179 18.41 6.49 6.16
N LEU A 180 18.15 7.66 6.74
CA LEU A 180 19.02 8.15 7.82
C LEU A 180 18.87 7.31 9.08
N VAL A 181 17.62 6.96 9.42
CA VAL A 181 17.40 6.02 10.52
C VAL A 181 18.14 4.72 10.27
N ILE A 182 18.07 4.22 9.03
CA ILE A 182 18.78 2.97 8.71
C ILE A 182 20.28 3.15 8.88
N LYS A 183 20.84 4.28 8.41
CA LYS A 183 22.27 4.49 8.49
C LYS A 183 22.76 4.57 9.93
N HIS A 184 21.93 5.07 10.84
CA HIS A 184 22.30 5.12 12.25
C HIS A 184 22.26 3.76 12.91
N GLY A 185 21.82 2.71 12.21
CA GLY A 185 21.88 1.35 12.72
C GLY A 185 20.67 0.88 13.51
N ALA A 186 19.46 1.25 13.07
CA ALA A 186 18.26 0.91 13.83
C ALA A 186 17.79 -0.52 13.58
N ILE A 187 18.10 -1.07 12.40
CA ILE A 187 17.49 -2.33 12.00
C ILE A 187 17.93 -3.46 12.92
N ASP A 188 19.24 -3.53 13.23
CA ASP A 188 19.72 -4.60 14.09
C ASP A 188 19.00 -4.65 15.43
N PRO A 189 18.98 -3.58 16.23
CA PRO A 189 18.25 -3.64 17.51
C PRO A 189 16.75 -3.85 17.35
N LEU A 190 16.14 -3.22 16.34
CA LEU A 190 14.71 -3.46 16.11
C LEU A 190 14.44 -4.94 15.92
N LEU A 191 15.17 -5.59 15.00
CA LEU A 191 14.95 -7.00 14.73
C LEU A 191 15.31 -7.85 15.95
N ALA A 192 16.34 -7.45 16.69
CA ALA A 192 16.69 -8.18 17.91
C ALA A 192 15.52 -8.21 18.88
N LEU A 193 14.74 -7.12 18.92
CA LEU A 193 13.57 -7.11 19.80
C LEU A 193 12.58 -8.20 19.44
N LEU A 194 12.57 -8.67 18.19
CA LEU A 194 11.63 -9.70 17.74
C LEU A 194 12.28 -11.07 17.66
N ALA A 195 13.50 -11.24 18.16
CA ALA A 195 14.20 -12.51 18.10
C ALA A 195 13.79 -13.37 19.29
N VAL A 196 12.55 -13.85 19.23
CA VAL A 196 12.00 -14.73 20.26
C VAL A 196 11.49 -16.00 19.59
N PRO A 197 11.43 -17.13 20.31
CA PRO A 197 10.94 -18.36 19.68
C PRO A 197 9.49 -18.28 19.26
N ASP A 198 8.64 -17.57 20.01
CA ASP A 198 7.23 -17.44 19.68
C ASP A 198 6.81 -15.99 19.90
N LEU A 199 6.35 -15.34 18.82
CA LEU A 199 5.92 -13.95 18.92
C LEU A 199 4.76 -13.77 19.88
N SER A 200 4.00 -14.82 20.15
CA SER A 200 2.84 -14.72 21.02
C SER A 200 3.21 -14.37 22.45
N THR A 201 4.49 -14.51 22.84
CA THR A 201 4.91 -14.17 24.18
C THR A 201 5.09 -12.67 24.37
N LEU A 202 5.18 -11.90 23.29
CA LEU A 202 5.33 -10.46 23.39
C LEU A 202 3.98 -9.79 23.59
N ALA A 203 4.00 -8.64 24.24
CA ALA A 203 2.79 -7.86 24.44
C ALA A 203 2.22 -7.44 23.08
N CYS A 204 0.89 -7.42 23.00
CA CYS A 204 0.23 -7.13 21.72
C CYS A 204 0.61 -5.75 21.20
N GLY A 205 0.48 -4.72 22.04
CA GLY A 205 0.81 -3.37 21.59
C GLY A 205 2.27 -3.23 21.21
N TYR A 206 3.15 -3.84 21.99
CA TYR A 206 4.58 -3.85 21.67
C TYR A 206 4.82 -4.41 20.27
N LEU A 207 4.30 -5.61 20.00
CA LEU A 207 4.50 -6.24 18.71
C LEU A 207 3.90 -5.42 17.59
N ARG A 208 2.73 -4.83 17.82
CA ARG A 208 2.09 -4.01 16.79
C ARG A 208 2.93 -2.80 16.45
N ASN A 209 3.48 -2.14 17.48
CA ASN A 209 4.33 -0.97 17.22
C ASN A 209 5.59 -1.37 16.48
N LEU A 210 6.21 -2.49 16.86
CA LEU A 210 7.40 -2.95 16.14
C LEU A 210 7.06 -3.22 14.68
N THR A 211 5.95 -3.91 14.42
CA THR A 211 5.55 -4.21 13.05
C THR A 211 5.31 -2.94 12.26
N TRP A 212 4.64 -1.96 12.86
CA TRP A 212 4.35 -0.72 12.16
C TRP A 212 5.63 0.03 11.80
N THR A 213 6.55 0.17 12.76
CA THR A 213 7.80 0.86 12.49
C THR A 213 8.59 0.13 11.40
N LEU A 214 8.64 -1.20 11.45
CA LEU A 214 9.32 -1.95 10.40
C LEU A 214 8.67 -1.69 9.06
N SER A 215 7.34 -1.60 9.02
CA SER A 215 6.65 -1.32 7.76
C SER A 215 7.02 0.06 7.23
N ASN A 216 7.19 1.04 8.12
CA ASN A 216 7.65 2.35 7.66
C ASN A 216 9.09 2.29 7.14
N LEU A 217 9.91 1.39 7.69
CA LEU A 217 11.26 1.23 7.15
C LEU A 217 11.26 0.58 5.77
N CYS A 218 10.18 -0.11 5.40
CA CYS A 218 10.02 -0.66 4.05
C CYS A 218 9.27 0.28 3.11
N ARG A 219 8.83 1.43 3.60
CA ARG A 219 7.89 2.28 2.88
C ARG A 219 8.59 3.36 2.09
N ASN A 220 7.86 3.92 1.12
CA ASN A 220 8.26 5.07 0.32
C ASN A 220 9.26 4.70 -0.78
N LYS A 221 9.36 5.57 -1.79
CA LYS A 221 10.23 5.33 -2.92
C LYS A 221 10.91 6.64 -3.29
N ASN A 222 11.64 6.63 -4.39
CA ASN A 222 12.41 7.78 -4.85
C ASN A 222 13.35 8.29 -3.76
N PRO A 223 14.28 7.45 -3.28
CA PRO A 223 14.51 6.06 -3.67
C PRO A 223 13.77 5.05 -2.80
N ALA A 224 13.78 3.79 -3.20
CA ALA A 224 13.25 2.71 -2.38
C ALA A 224 14.29 2.36 -1.31
N PRO A 225 13.89 1.62 -0.27
CA PRO A 225 14.83 1.31 0.82
C PRO A 225 16.07 0.62 0.29
N PRO A 226 17.19 0.71 1.01
CA PRO A 226 18.40 0.01 0.58
C PRO A 226 18.18 -1.48 0.46
N LEU A 227 18.71 -2.06 -0.63
CA LEU A 227 18.50 -3.48 -0.89
C LEU A 227 18.97 -4.34 0.27
N ASP A 228 20.14 -4.03 0.84
CA ASP A 228 20.64 -4.79 1.98
C ASP A 228 19.71 -4.68 3.18
N ALA A 229 19.11 -3.51 3.38
CA ALA A 229 18.15 -3.35 4.48
C ALA A 229 16.91 -4.19 4.25
N VAL A 230 16.40 -4.22 3.01
CA VAL A 230 15.25 -5.06 2.70
C VAL A 230 15.57 -6.52 2.95
N GLU A 231 16.76 -6.96 2.51
CA GLU A 231 17.15 -8.36 2.74
C GLU A 231 17.25 -8.66 4.23
N GLN A 232 17.78 -7.71 5.01
CA GLN A 232 17.88 -7.90 6.45
C GLN A 232 16.52 -8.00 7.10
N ILE A 233 15.55 -7.23 6.62
CA ILE A 233 14.25 -7.18 7.28
C ILE A 233 13.32 -8.32 6.85
N LEU A 234 13.45 -8.79 5.61
CA LEU A 234 12.41 -9.66 5.05
C LEU A 234 12.11 -10.90 5.88
N PRO A 235 13.09 -11.65 6.41
CA PRO A 235 12.73 -12.85 7.19
C PRO A 235 11.81 -12.56 8.36
N THR A 236 12.09 -11.50 9.11
CA THR A 236 11.21 -11.12 10.22
C THR A 236 9.83 -10.74 9.69
N LEU A 237 9.78 -10.11 8.52
CA LEU A 237 8.49 -9.78 7.92
C LEU A 237 7.69 -11.03 7.61
N VAL A 238 8.35 -12.06 7.06
CA VAL A 238 7.64 -13.32 6.77
C VAL A 238 7.08 -13.91 8.06
N ARG A 239 7.94 -13.97 9.09
CA ARG A 239 7.48 -14.47 10.40
C ARG A 239 6.24 -13.70 10.87
N LEU A 240 6.30 -12.37 10.80
CA LEU A 240 5.15 -11.57 11.23
C LEU A 240 3.94 -11.82 10.35
N LEU A 241 4.17 -12.07 9.05
CA LEU A 241 3.08 -12.38 8.13
C LEU A 241 2.39 -13.67 8.50
N HIS A 242 3.02 -14.52 9.29
CA HIS A 242 2.36 -15.73 9.78
C HIS A 242 1.80 -15.58 11.20
N HIS A 243 1.86 -14.39 11.78
CA HIS A 243 1.30 -14.17 13.10
C HIS A 243 -0.22 -14.10 13.02
N ASN A 244 -0.87 -14.22 14.19
CA ASN A 244 -2.32 -14.35 14.26
C ASN A 244 -2.99 -13.12 14.88
N ASP A 245 -2.35 -11.96 14.82
CA ASP A 245 -3.00 -10.72 15.24
C ASP A 245 -3.39 -9.91 14.02
N PRO A 246 -4.65 -9.50 13.89
CA PRO A 246 -5.07 -8.82 12.65
C PRO A 246 -4.29 -7.55 12.33
N GLU A 247 -3.91 -6.77 13.35
CA GLU A 247 -3.15 -5.55 13.08
C GLU A 247 -1.74 -5.85 12.61
N VAL A 248 -1.08 -6.82 13.26
CA VAL A 248 0.24 -7.24 12.81
C VAL A 248 0.19 -7.77 11.39
N LEU A 249 -0.83 -8.59 11.10
CA LEU A 249 -0.98 -9.11 9.74
C LEU A 249 -1.20 -7.99 8.74
N ALA A 250 -2.06 -7.03 9.08
CA ALA A 250 -2.33 -5.92 8.16
C ALA A 250 -1.07 -5.13 7.86
N ASP A 251 -0.32 -4.75 8.91
CA ASP A 251 0.86 -3.93 8.70
C ASP A 251 1.98 -4.71 8.01
N SER A 252 2.12 -6.00 8.30
CA SER A 252 3.12 -6.81 7.60
CA SER A 252 3.10 -6.82 7.60
C SER A 252 2.75 -6.94 6.12
N CYS A 253 1.46 -7.08 5.83
CA CYS A 253 1.01 -7.11 4.44
C CYS A 253 1.29 -5.79 3.74
N TRP A 254 1.06 -4.67 4.45
CA TRP A 254 1.36 -3.36 3.86
C TRP A 254 2.85 -3.22 3.59
N ALA A 255 3.69 -3.71 4.51
CA ALA A 255 5.13 -3.70 4.29
C ALA A 255 5.49 -4.49 3.03
N ILE A 256 4.92 -5.68 2.87
CA ILE A 256 5.19 -6.48 1.68
C ILE A 256 4.70 -5.75 0.43
N SER A 257 3.57 -5.05 0.55
CA SER A 257 3.05 -4.29 -0.59
C SER A 257 4.01 -3.17 -0.99
N TYR A 258 4.57 -2.47 -0.02
CA TYR A 258 5.59 -1.48 -0.32
C TYR A 258 6.77 -2.13 -1.04
N LEU A 259 7.24 -3.25 -0.50
CA LEU A 259 8.43 -3.90 -1.06
C LEU A 259 8.19 -4.39 -2.48
N THR A 260 6.96 -4.78 -2.80
CA THR A 260 6.63 -5.26 -4.14
C THR A 260 6.26 -4.15 -5.11
N ASP A 261 6.14 -2.91 -4.63
CA ASP A 261 5.79 -1.77 -5.49
C ASP A 261 7.07 -1.21 -6.09
N GLY A 262 7.59 -1.89 -7.10
CA GLY A 262 8.82 -1.48 -7.72
C GLY A 262 9.25 -2.37 -8.86
N PRO A 263 10.52 -2.26 -9.26
CA PRO A 263 11.03 -3.07 -10.37
C PRO A 263 10.94 -4.55 -10.07
N ASN A 264 11.04 -5.35 -11.15
CA ASN A 264 10.85 -6.78 -11.01
C ASN A 264 11.88 -7.42 -10.08
N GLU A 265 13.04 -6.80 -9.91
CA GLU A 265 14.03 -7.35 -8.99
C GLU A 265 13.55 -7.28 -7.54
N ARG A 266 12.86 -6.20 -7.17
CA ARG A 266 12.29 -6.09 -5.83
C ARG A 266 11.20 -7.14 -5.63
N ILE A 267 10.26 -7.22 -6.59
CA ILE A 267 9.24 -8.25 -6.56
C ILE A 267 9.89 -9.61 -6.37
N GLU A 268 11.02 -9.84 -7.04
CA GLU A 268 11.67 -11.14 -6.95
C GLU A 268 12.25 -11.38 -5.56
N MET A 269 12.87 -10.35 -4.97
CA MET A 269 13.32 -10.50 -3.58
C MET A 269 12.18 -11.00 -2.71
N VAL A 270 10.98 -10.46 -2.91
CA VAL A 270 9.86 -10.85 -2.05
C VAL A 270 9.39 -12.27 -2.41
N VAL A 271 9.15 -12.52 -3.70
CA VAL A 271 8.57 -13.79 -4.13
C VAL A 271 9.48 -14.96 -3.79
N LYS A 272 10.80 -14.74 -3.81
CA LYS A 272 11.73 -15.81 -3.50
C LYS A 272 11.62 -16.28 -2.06
N LYS A 273 11.08 -15.46 -1.16
CA LYS A 273 10.90 -15.86 0.22
C LYS A 273 9.69 -16.76 0.42
N GLY A 274 8.91 -17.03 -0.62
CA GLY A 274 7.81 -17.95 -0.52
C GLY A 274 6.58 -17.41 0.18
N VAL A 275 6.36 -16.09 0.13
CA VAL A 275 5.23 -15.49 0.84
C VAL A 275 3.94 -15.49 0.04
N VAL A 276 3.99 -15.79 -1.27
CA VAL A 276 2.81 -15.65 -2.11
C VAL A 276 1.65 -16.51 -1.63
N PRO A 277 1.85 -17.78 -1.26
CA PRO A 277 0.72 -18.55 -0.71
C PRO A 277 0.10 -17.93 0.52
N GLN A 278 0.92 -17.43 1.45
CA GLN A 278 0.37 -16.76 2.62
C GLN A 278 -0.38 -15.51 2.23
N LEU A 279 0.10 -14.80 1.20
CA LEU A 279 -0.60 -13.61 0.72
C LEU A 279 -1.96 -13.97 0.14
N VAL A 280 -2.06 -15.09 -0.57
CA VAL A 280 -3.35 -15.51 -1.11
C VAL A 280 -4.29 -15.92 0.02
N LYS A 281 -3.77 -16.67 1.00
CA LYS A 281 -4.57 -17.00 2.17
C LYS A 281 -5.14 -15.73 2.82
N LEU A 282 -4.29 -14.73 3.03
CA LEU A 282 -4.76 -13.48 3.62
C LEU A 282 -5.72 -12.75 2.70
N LEU A 283 -5.53 -12.89 1.38
CA LEU A 283 -6.49 -12.37 0.43
C LEU A 283 -7.87 -12.94 0.68
N GLY A 284 -7.93 -14.18 1.15
CA GLY A 284 -9.20 -14.77 1.53
C GLY A 284 -9.74 -14.38 2.89
N ALA A 285 -9.08 -13.48 3.61
CA ALA A 285 -9.49 -13.14 4.96
C ALA A 285 -10.84 -12.42 4.97
N THR A 286 -11.45 -12.38 6.15
CA THR A 286 -12.72 -11.70 6.35
C THR A 286 -12.54 -10.22 6.72
N GLU A 287 -11.41 -9.87 7.33
CA GLU A 287 -11.17 -8.50 7.75
C GLU A 287 -10.62 -7.70 6.56
N LEU A 288 -11.35 -6.65 6.17
CA LEU A 288 -10.90 -5.79 5.09
C LEU A 288 -9.52 -5.18 5.35
N PRO A 289 -9.18 -4.78 6.57
CA PRO A 289 -7.81 -4.26 6.80
C PRO A 289 -6.73 -5.24 6.42
N ILE A 290 -7.05 -6.53 6.31
CA ILE A 290 -6.08 -7.52 5.86
C ILE A 290 -6.20 -7.75 4.36
N VAL A 291 -7.42 -7.87 3.84
CA VAL A 291 -7.60 -8.13 2.41
C VAL A 291 -7.02 -7.00 1.58
N THR A 292 -7.21 -5.75 2.02
CA THR A 292 -6.76 -4.61 1.21
C THR A 292 -5.26 -4.66 0.95
N PRO A 293 -4.39 -4.75 1.96
CA PRO A 293 -2.95 -4.81 1.67
C PRO A 293 -2.54 -6.10 0.98
N ALA A 294 -3.19 -7.23 1.29
CA ALA A 294 -2.90 -8.46 0.58
C ALA A 294 -3.18 -8.33 -0.90
N LEU A 295 -4.34 -7.75 -1.25
CA LEU A 295 -4.68 -7.55 -2.65
C LEU A 295 -3.72 -6.58 -3.32
N ARG A 296 -3.34 -5.50 -2.62
CA ARG A 296 -2.37 -4.57 -3.18
C ARG A 296 -1.05 -5.27 -3.48
N ALA A 297 -0.58 -6.11 -2.55
CA ALA A 297 0.68 -6.83 -2.76
C ALA A 297 0.58 -7.79 -3.93
N ILE A 298 -0.54 -8.51 -4.04
CA ILE A 298 -0.71 -9.45 -5.14
C ILE A 298 -0.73 -8.71 -6.48
N GLY A 299 -1.43 -7.57 -6.53
CA GLY A 299 -1.45 -6.79 -7.76
C GLY A 299 -0.05 -6.32 -8.15
N ASN A 300 0.69 -5.77 -7.17
CA ASN A 300 2.07 -5.37 -7.42
C ASN A 300 2.86 -6.54 -7.99
N ILE A 301 2.72 -7.72 -7.39
CA ILE A 301 3.50 -8.87 -7.85
C ILE A 301 3.15 -9.21 -9.29
N VAL A 302 1.86 -9.16 -9.64
CA VAL A 302 1.48 -9.50 -11.01
C VAL A 302 1.83 -8.40 -12.00
N THR A 303 2.27 -7.23 -11.52
CA THR A 303 2.88 -6.28 -12.46
C THR A 303 4.28 -6.71 -12.93
N GLY A 304 4.82 -7.81 -12.40
CA GLY A 304 6.17 -8.22 -12.76
C GLY A 304 6.23 -9.16 -13.95
N THR A 305 7.15 -10.12 -13.90
CA THR A 305 7.30 -11.07 -14.99
C THR A 305 6.13 -12.06 -14.99
N ASP A 306 5.95 -12.73 -16.14
CA ASP A 306 4.90 -13.72 -16.24
C ASP A 306 5.12 -14.90 -15.30
N GLU A 307 6.38 -15.15 -14.91
CA GLU A 307 6.66 -16.24 -13.97
C GLU A 307 6.24 -15.87 -12.55
N GLN A 308 6.42 -14.61 -12.15
CA GLN A 308 5.92 -14.16 -10.86
C GLN A 308 4.39 -14.21 -10.82
N THR A 309 3.75 -13.71 -11.89
CA THR A 309 2.31 -13.84 -12.00
C THR A 309 1.89 -15.30 -11.93
N GLN A 310 2.68 -16.19 -12.52
CA GLN A 310 2.36 -17.62 -12.46
C GLN A 310 2.47 -18.15 -11.04
N LYS A 311 3.39 -17.59 -10.24
CA LYS A 311 3.42 -17.95 -8.83
C LYS A 311 2.13 -17.54 -8.13
N VAL A 312 1.60 -16.36 -8.48
CA VAL A 312 0.32 -15.97 -7.90
C VAL A 312 -0.78 -16.95 -8.30
N ILE A 313 -0.83 -17.31 -9.58
CA ILE A 313 -1.87 -18.22 -10.05
C ILE A 313 -1.72 -19.59 -9.40
N ASP A 314 -0.48 -20.09 -9.30
CA ASP A 314 -0.24 -21.41 -8.74
C ASP A 314 -0.68 -21.50 -7.28
N ALA A 315 -0.62 -20.39 -6.56
CA ALA A 315 -1.02 -20.36 -5.15
C ALA A 315 -2.52 -20.39 -4.96
N GLY A 316 -3.31 -20.33 -6.03
CA GLY A 316 -4.75 -20.38 -5.93
C GLY A 316 -5.44 -19.04 -5.86
N ALA A 317 -4.81 -17.96 -6.33
CA ALA A 317 -5.37 -16.63 -6.15
C ALA A 317 -6.64 -16.43 -6.96
N LEU A 318 -6.69 -16.96 -8.18
CA LEU A 318 -7.83 -16.71 -9.04
C LEU A 318 -9.14 -17.16 -8.40
N ALA A 319 -9.09 -18.22 -7.59
CA ALA A 319 -10.29 -18.74 -6.96
C ALA A 319 -10.93 -17.75 -6.01
N VAL A 320 -10.19 -16.73 -5.57
CA VAL A 320 -10.75 -15.70 -4.69
C VAL A 320 -11.42 -14.57 -5.44
N PHE A 321 -11.22 -14.48 -6.77
CA PHE A 321 -11.64 -13.28 -7.47
C PHE A 321 -13.13 -13.22 -7.77
N PRO A 322 -13.89 -14.32 -7.69
CA PRO A 322 -15.35 -14.17 -7.72
C PRO A 322 -15.87 -13.25 -6.63
N SER A 323 -15.34 -13.39 -5.40
CA SER A 323 -15.74 -12.49 -4.32
C SER A 323 -15.15 -11.10 -4.51
N LEU A 324 -13.85 -11.03 -4.78
CA LEU A 324 -13.19 -9.72 -4.87
C LEU A 324 -13.82 -8.86 -5.96
N LEU A 325 -14.16 -9.46 -7.10
CA LEU A 325 -14.74 -8.70 -8.20
C LEU A 325 -16.20 -8.36 -7.96
N THR A 326 -16.81 -8.87 -6.89
CA THR A 326 -18.13 -8.45 -6.47
C THR A 326 -18.12 -7.85 -5.07
N ASN A 327 -16.94 -7.54 -4.53
CA ASN A 327 -16.84 -7.07 -3.16
C ASN A 327 -17.59 -5.77 -2.98
N PRO A 328 -18.33 -5.60 -1.86
CA PRO A 328 -19.11 -4.36 -1.70
C PRO A 328 -18.27 -3.11 -1.54
N LYS A 329 -16.97 -3.22 -1.26
CA LYS A 329 -16.10 -2.05 -1.15
C LYS A 329 -15.54 -1.69 -2.52
N THR A 330 -15.77 -0.44 -2.93
CA THR A 330 -15.37 -0.02 -4.27
C THR A 330 -13.88 -0.25 -4.52
N ASN A 331 -13.04 0.08 -3.54
CA ASN A 331 -11.59 0.00 -3.76
C ASN A 331 -11.13 -1.44 -3.94
N ILE A 332 -11.74 -2.38 -3.22
CA ILE A 332 -11.40 -3.79 -3.41
C ILE A 332 -11.73 -4.22 -4.84
N GLN A 333 -12.93 -3.86 -5.32
CA GLN A 333 -13.31 -4.20 -6.68
C GLN A 333 -12.34 -3.58 -7.68
N LYS A 334 -11.98 -2.30 -7.47
CA LYS A 334 -11.07 -1.62 -8.38
C LYS A 334 -9.72 -2.33 -8.43
N GLU A 335 -9.13 -2.60 -7.27
CA GLU A 335 -7.80 -3.20 -7.25
C GLU A 335 -7.82 -4.65 -7.73
N ALA A 336 -8.91 -5.37 -7.47
CA ALA A 336 -9.04 -6.72 -8.01
C ALA A 336 -9.12 -6.70 -9.53
N THR A 337 -9.86 -5.73 -10.09
CA THR A 337 -9.93 -5.62 -11.54
C THR A 337 -8.60 -5.18 -12.14
N TRP A 338 -7.85 -4.34 -11.44
CA TRP A 338 -6.51 -3.96 -11.90
C TRP A 338 -5.57 -5.15 -11.89
N THR A 339 -5.61 -5.95 -10.82
CA THR A 339 -4.86 -7.21 -10.80
C THR A 339 -5.25 -8.10 -11.96
N MET A 340 -6.56 -8.22 -12.22
CA MET A 340 -7.02 -9.04 -13.34
C MET A 340 -6.46 -8.51 -14.66
N SER A 341 -6.41 -7.19 -14.82
CA SER A 341 -5.89 -6.60 -16.05
C SER A 341 -4.41 -6.95 -16.23
N ASN A 342 -3.66 -6.96 -15.14
CA ASN A 342 -2.25 -7.32 -15.25
C ASN A 342 -2.05 -8.83 -15.38
N ILE A 343 -3.08 -9.63 -15.07
CA ILE A 343 -2.98 -11.07 -15.33
C ILE A 343 -3.35 -11.37 -16.79
N THR A 344 -4.36 -10.70 -17.33
CA THR A 344 -4.74 -10.91 -18.72
C THR A 344 -3.72 -10.34 -19.69
N ALA A 345 -2.75 -9.57 -19.21
CA ALA A 345 -1.67 -9.09 -20.04
C ALA A 345 -0.55 -10.12 -20.19
N GLY A 346 -0.71 -11.30 -19.60
CA GLY A 346 0.32 -12.32 -19.63
C GLY A 346 0.14 -13.32 -20.75
N ARG A 347 0.58 -14.54 -20.49
CA ARG A 347 0.62 -15.58 -21.52
C ARG A 347 -0.78 -16.15 -21.77
N GLN A 348 -0.91 -16.85 -22.89
CA GLN A 348 -2.21 -17.39 -23.29
C GLN A 348 -2.69 -18.47 -22.33
N ASP A 349 -1.78 -19.27 -21.76
CA ASP A 349 -2.19 -20.26 -20.77
C ASP A 349 -2.64 -19.60 -19.47
N GLN A 350 -2.09 -18.44 -19.13
CA GLN A 350 -2.56 -17.70 -17.97
C GLN A 350 -3.95 -17.13 -18.23
N ILE A 351 -4.18 -16.60 -19.42
CA ILE A 351 -5.53 -16.18 -19.80
C ILE A 351 -6.47 -17.37 -19.75
N GLN A 352 -5.99 -18.56 -20.13
CA GLN A 352 -6.82 -19.75 -20.07
C GLN A 352 -7.16 -20.12 -18.65
N GLN A 353 -6.24 -19.88 -17.71
CA GLN A 353 -6.56 -20.08 -16.30
C GLN A 353 -7.64 -19.10 -15.85
N VAL A 354 -7.56 -17.84 -16.30
CA VAL A 354 -8.62 -16.88 -16.01
C VAL A 354 -9.97 -17.41 -16.51
N VAL A 355 -9.97 -17.93 -17.75
CA VAL A 355 -11.20 -18.47 -18.33
C VAL A 355 -11.69 -19.65 -17.51
N ASN A 356 -10.79 -20.58 -17.18
CA ASN A 356 -11.18 -21.80 -16.48
C ASN A 356 -11.77 -21.50 -15.11
N HIS A 357 -11.26 -20.47 -14.44
CA HIS A 357 -11.78 -20.07 -13.14
C HIS A 357 -13.12 -19.34 -13.24
N GLY A 358 -13.67 -19.23 -14.44
CA GLY A 358 -14.97 -18.60 -14.61
C GLY A 358 -14.98 -17.11 -14.39
N LEU A 359 -13.84 -16.45 -14.58
CA LEU A 359 -13.69 -15.04 -14.24
C LEU A 359 -14.09 -14.08 -15.36
N VAL A 360 -14.29 -14.58 -16.58
CA VAL A 360 -14.68 -13.71 -17.69
C VAL A 360 -16.09 -13.18 -17.44
N PRO A 361 -17.03 -14.01 -16.99
CA PRO A 361 -18.35 -13.45 -16.63
C PRO A 361 -18.28 -12.37 -15.57
N PHE A 362 -17.37 -12.50 -14.61
CA PHE A 362 -17.24 -11.45 -13.58
C PHE A 362 -16.66 -10.17 -14.17
N LEU A 363 -15.75 -10.29 -15.15
CA LEU A 363 -15.26 -9.11 -15.84
C LEU A 363 -16.38 -8.45 -16.64
N VAL A 364 -17.24 -9.25 -17.28
CA VAL A 364 -18.41 -8.70 -17.96
C VAL A 364 -19.30 -7.97 -16.96
N GLY A 365 -19.48 -8.55 -15.77
CA GLY A 365 -20.30 -7.91 -14.76
C GLY A 365 -19.75 -6.57 -14.32
N VAL A 366 -18.45 -6.52 -14.04
CA VAL A 366 -17.82 -5.27 -13.64
C VAL A 366 -17.96 -4.23 -14.75
N LEU A 367 -17.68 -4.64 -15.99
CA LEU A 367 -17.85 -3.74 -17.13
C LEU A 367 -19.27 -3.24 -17.25
N SER A 368 -20.26 -4.06 -16.86
CA SER A 368 -21.65 -3.68 -17.00
C SER A 368 -22.11 -2.74 -15.89
N LYS A 369 -21.59 -2.92 -14.68
CA LYS A 369 -22.04 -2.11 -13.54
C LYS A 369 -20.93 -2.10 -12.50
N ALA A 370 -20.41 -0.91 -12.20
CA ALA A 370 -19.39 -0.73 -11.19
C ALA A 370 -19.04 0.76 -11.17
N ASP A 371 -18.27 1.16 -10.17
CA ASP A 371 -17.69 2.49 -10.17
C ASP A 371 -16.89 2.68 -11.45
N PHE A 372 -16.90 3.90 -11.99
CA PHE A 372 -16.30 4.13 -13.30
C PHE A 372 -14.81 3.78 -13.32
N LYS A 373 -14.10 4.00 -12.23
CA LYS A 373 -12.68 3.66 -12.19
C LYS A 373 -12.48 2.15 -12.29
N THR A 374 -13.32 1.38 -11.59
CA THR A 374 -13.31 -0.06 -11.76
C THR A 374 -13.66 -0.45 -13.19
N GLN A 375 -14.60 0.25 -13.80
CA GLN A 375 -14.97 -0.04 -15.18
C GLN A 375 -13.81 0.24 -16.13
N LYS A 376 -13.00 1.27 -15.84
CA LYS A 376 -11.84 1.55 -16.66
C LYS A 376 -10.78 0.46 -16.50
N GLU A 377 -10.55 0.00 -15.26
CA GLU A 377 -9.66 -1.14 -15.07
C GLU A 377 -10.18 -2.37 -15.82
N ALA A 378 -11.50 -2.53 -15.88
CA ALA A 378 -12.08 -3.67 -16.60
C ALA A 378 -11.88 -3.53 -18.10
N ALA A 379 -12.07 -2.33 -18.64
CA ALA A 379 -11.79 -2.11 -20.06
C ALA A 379 -10.33 -2.43 -20.36
N TRP A 380 -9.42 -2.02 -19.48
CA TRP A 380 -8.01 -2.37 -19.66
C TRP A 380 -7.81 -3.88 -19.65
N ALA A 381 -8.47 -4.57 -18.72
CA ALA A 381 -8.35 -6.03 -18.66
C ALA A 381 -8.85 -6.67 -19.95
N ILE A 382 -9.95 -6.16 -20.50
CA ILE A 382 -10.52 -6.70 -21.73
C ILE A 382 -9.57 -6.45 -22.89
N THR A 383 -8.97 -5.27 -22.96
CA THR A 383 -8.07 -4.96 -24.06
C THR A 383 -6.80 -5.79 -23.98
N ASN A 384 -6.26 -5.99 -22.77
CA ASN A 384 -5.11 -6.87 -22.63
C ASN A 384 -5.47 -8.31 -23.05
N TYR A 385 -6.61 -8.80 -22.54
CA TYR A 385 -7.08 -10.12 -22.92
C TYR A 385 -7.13 -10.28 -24.44
N THR A 386 -7.75 -9.33 -25.12
CA THR A 386 -7.89 -9.44 -26.57
C THR A 386 -6.56 -9.27 -27.28
N SER A 387 -5.62 -8.54 -26.67
CA SER A 387 -4.32 -8.35 -27.29
C SER A 387 -3.51 -9.64 -27.27
N GLY A 388 -3.51 -10.34 -26.13
CA GLY A 388 -2.69 -11.52 -26.00
C GLY A 388 -3.38 -12.86 -26.18
N GLY A 389 -4.70 -12.86 -26.35
CA GLY A 389 -5.45 -14.10 -26.34
C GLY A 389 -5.53 -14.78 -27.69
N THR A 390 -5.84 -16.08 -27.65
CA THR A 390 -6.09 -16.83 -28.87
C THR A 390 -7.41 -16.39 -29.49
N VAL A 391 -7.69 -16.91 -30.68
CA VAL A 391 -8.98 -16.63 -31.32
C VAL A 391 -10.11 -17.26 -30.52
N GLU A 392 -9.91 -18.49 -30.06
CA GLU A 392 -10.93 -19.16 -29.26
C GLU A 392 -11.25 -18.37 -27.99
N GLN A 393 -10.22 -17.78 -27.36
CA GLN A 393 -10.44 -17.04 -26.13
C GLN A 393 -11.23 -15.76 -26.38
N ILE A 394 -10.95 -15.07 -27.50
CA ILE A 394 -11.70 -13.86 -27.83
C ILE A 394 -13.14 -14.23 -28.19
N VAL A 395 -13.32 -15.36 -28.88
CA VAL A 395 -14.67 -15.84 -29.17
C VAL A 395 -15.43 -16.08 -27.88
N TYR A 396 -14.78 -16.77 -26.93
CA TYR A 396 -15.40 -16.97 -25.62
C TYR A 396 -15.79 -15.64 -24.99
N LEU A 397 -14.89 -14.67 -25.04
CA LEU A 397 -15.17 -13.34 -24.50
C LEU A 397 -16.46 -12.78 -25.08
N VAL A 398 -16.61 -12.87 -26.41
CA VAL A 398 -17.83 -12.35 -27.04
C VAL A 398 -19.05 -13.16 -26.59
N HIS A 399 -18.92 -14.49 -26.54
CA HIS A 399 -20.04 -15.33 -26.15
C HIS A 399 -20.50 -15.07 -24.74
N CYS A 400 -19.63 -14.52 -23.88
CA CYS A 400 -20.01 -14.19 -22.52
C CYS A 400 -20.74 -12.85 -22.41
N GLY A 401 -20.74 -12.04 -23.47
CA GLY A 401 -21.54 -10.82 -23.50
C GLY A 401 -20.78 -9.53 -23.28
N ILE A 402 -19.58 -9.43 -23.85
CA ILE A 402 -18.73 -8.27 -23.59
C ILE A 402 -19.11 -7.08 -24.48
N ILE A 403 -19.70 -7.35 -25.64
CA ILE A 403 -19.90 -6.31 -26.65
C ILE A 403 -20.81 -5.21 -26.13
N GLU A 404 -21.98 -5.59 -25.59
CA GLU A 404 -22.93 -4.57 -25.16
C GLU A 404 -22.36 -3.67 -24.08
N PRO A 405 -21.79 -4.19 -22.98
CA PRO A 405 -21.24 -3.27 -21.97
C PRO A 405 -20.08 -2.43 -22.49
N LEU A 406 -19.21 -3.00 -23.33
CA LEU A 406 -18.13 -2.19 -23.90
C LEU A 406 -18.70 -1.03 -24.75
N MET A 407 -19.69 -1.35 -25.59
CA MET A 407 -20.32 -0.31 -26.41
C MET A 407 -20.97 0.75 -25.52
N ASN A 408 -21.61 0.34 -24.43
CA ASN A 408 -22.21 1.31 -23.52
C ASN A 408 -21.17 2.18 -22.86
N LEU A 409 -19.97 1.64 -22.60
CA LEU A 409 -18.91 2.44 -22.02
C LEU A 409 -18.29 3.40 -23.04
N LEU A 410 -18.51 3.16 -24.33
CA LEU A 410 -18.02 4.15 -25.31
C LEU A 410 -18.65 5.53 -25.14
N SER A 411 -19.70 5.67 -24.32
CA SER A 411 -20.31 6.97 -24.07
C SER A 411 -19.62 7.76 -22.97
N ALA A 412 -18.45 7.31 -22.52
CA ALA A 412 -17.74 7.96 -21.44
C ALA A 412 -17.01 9.21 -21.95
N LYS A 413 -16.71 10.11 -21.02
CA LYS A 413 -15.99 11.35 -21.32
C LYS A 413 -14.51 11.25 -20.97
N ASP A 414 -13.94 10.05 -21.03
CA ASP A 414 -12.53 9.81 -20.73
C ASP A 414 -11.87 9.30 -22.00
N THR A 415 -11.00 10.12 -22.59
CA THR A 415 -10.35 9.72 -23.83
C THR A 415 -9.73 8.34 -23.72
N LYS A 416 -8.98 8.10 -22.63
CA LYS A 416 -8.22 6.85 -22.51
C LYS A 416 -9.13 5.63 -22.56
N ILE A 417 -10.27 5.67 -21.87
CA ILE A 417 -11.15 4.51 -21.90
C ILE A 417 -11.70 4.30 -23.32
N ILE A 418 -11.96 5.38 -24.05
CA ILE A 418 -12.45 5.22 -25.41
C ILE A 418 -11.38 4.58 -26.29
N GLN A 419 -10.13 5.00 -26.14
CA GLN A 419 -9.06 4.36 -26.89
C GLN A 419 -8.94 2.88 -26.53
N VAL A 420 -9.02 2.57 -25.23
CA VAL A 420 -8.95 1.19 -24.77
C VAL A 420 -10.06 0.36 -25.41
N ILE A 421 -11.28 0.89 -25.38
CA ILE A 421 -12.43 0.15 -25.91
C ILE A 421 -12.31 -0.04 -27.42
N LEU A 422 -11.95 1.02 -28.14
CA LEU A 422 -11.84 0.92 -29.59
C LEU A 422 -10.74 -0.06 -29.98
N ASP A 423 -9.63 -0.06 -29.23
CA ASP A 423 -8.57 -1.03 -29.49
C ASP A 423 -9.05 -2.45 -29.24
N ALA A 424 -9.83 -2.64 -28.17
CA ALA A 424 -10.39 -3.96 -27.90
C ALA A 424 -11.32 -4.41 -29.03
N ILE A 425 -12.16 -3.49 -29.53
CA ILE A 425 -13.06 -3.83 -30.63
C ILE A 425 -12.26 -4.20 -31.87
N SER A 426 -11.17 -3.47 -32.14
CA SER A 426 -10.33 -3.79 -33.28
C SER A 426 -9.75 -5.20 -33.14
N ASN A 427 -9.25 -5.54 -31.95
CA ASN A 427 -8.71 -6.88 -31.72
C ASN A 427 -9.77 -7.95 -31.94
N ILE A 428 -10.97 -7.72 -31.40
CA ILE A 428 -12.06 -8.68 -31.55
C ILE A 428 -12.42 -8.84 -33.02
N PHE A 429 -12.37 -7.73 -33.77
CA PHE A 429 -12.67 -7.78 -35.19
C PHE A 429 -11.60 -8.56 -35.96
N GLN A 430 -10.35 -8.43 -35.55
CA GLN A 430 -9.29 -9.23 -36.17
C GLN A 430 -9.55 -10.72 -35.97
N ALA A 431 -9.91 -11.11 -34.75
CA ALA A 431 -10.27 -12.51 -34.51
C ALA A 431 -11.44 -12.92 -35.40
N ALA A 432 -12.46 -12.06 -35.51
CA ALA A 432 -13.60 -12.35 -36.37
C ALA A 432 -13.15 -12.60 -37.81
N GLU A 433 -12.25 -11.75 -38.33
CA GLU A 433 -11.69 -11.99 -39.65
C GLU A 433 -11.08 -13.38 -39.73
N LYS A 434 -10.25 -13.73 -38.75
CA LYS A 434 -9.65 -15.06 -38.75
C LYS A 434 -10.71 -16.16 -38.85
N LEU A 435 -11.89 -15.92 -38.29
CA LEU A 435 -12.98 -16.88 -38.39
C LEU A 435 -13.99 -16.55 -39.49
N GLY A 436 -13.82 -15.43 -40.19
CA GLY A 436 -14.75 -15.06 -41.23
C GLY A 436 -16.14 -14.74 -40.72
N GLU A 437 -16.24 -14.16 -39.53
CA GLU A 437 -17.52 -13.84 -38.89
C GLU A 437 -17.60 -12.36 -38.55
N THR A 438 -16.97 -11.50 -39.36
CA THR A 438 -16.99 -10.08 -39.06
C THR A 438 -18.40 -9.50 -39.19
N GLU A 439 -19.22 -10.08 -40.07
CA GLU A 439 -20.58 -9.58 -40.25
C GLU A 439 -21.44 -9.86 -39.01
N LYS A 440 -21.28 -11.03 -38.40
CA LYS A 440 -21.99 -11.33 -37.17
C LYS A 440 -21.67 -10.30 -36.09
N LEU A 441 -20.38 -9.98 -35.93
CA LEU A 441 -19.99 -9.00 -34.92
C LEU A 441 -20.49 -7.62 -35.28
N SER A 442 -20.49 -7.26 -36.56
CA SER A 442 -21.02 -5.96 -36.96
C SER A 442 -22.50 -5.85 -36.62
N ILE A 443 -23.27 -6.90 -36.93
CA ILE A 443 -24.68 -6.91 -36.57
C ILE A 443 -24.85 -6.76 -35.06
N MET A 444 -24.06 -7.52 -34.30
CA MET A 444 -24.16 -7.48 -32.85
C MET A 444 -23.87 -6.09 -32.31
N ILE A 445 -22.84 -5.43 -32.86
CA ILE A 445 -22.48 -4.09 -32.41
C ILE A 445 -23.54 -3.07 -32.83
N GLU A 446 -24.23 -3.33 -33.94
CA GLU A 446 -25.29 -2.43 -34.36
C GLU A 446 -26.50 -2.56 -33.45
N GLU A 447 -26.92 -3.78 -33.15
CA GLU A 447 -28.18 -3.99 -32.43
C GLU A 447 -28.14 -3.36 -31.03
N CYS A 448 -26.98 -3.32 -30.39
CA CYS A 448 -26.84 -2.73 -29.06
C CYS A 448 -26.58 -1.23 -29.10
N GLY A 449 -26.65 -0.62 -30.27
CA GLY A 449 -26.41 0.81 -30.39
C GLY A 449 -24.96 1.21 -30.44
N GLY A 450 -24.07 0.29 -30.80
CA GLY A 450 -22.66 0.58 -30.82
C GLY A 450 -22.22 1.38 -32.03
N LEU A 451 -22.80 1.07 -33.20
CA LEU A 451 -22.41 1.76 -34.41
C LEU A 451 -22.66 3.26 -34.29
N ASP A 452 -23.74 3.66 -33.63
CA ASP A 452 -24.02 5.08 -33.43
C ASP A 452 -22.91 5.75 -32.62
N LYS A 453 -22.48 5.10 -31.53
CA LYS A 453 -21.43 5.68 -30.71
C LYS A 453 -20.12 5.76 -31.48
N ILE A 454 -19.77 4.71 -32.24
CA ILE A 454 -18.52 4.75 -33.00
C ILE A 454 -18.60 5.79 -34.11
N GLU A 455 -19.78 5.98 -34.71
CA GLU A 455 -19.93 7.01 -35.73
C GLU A 455 -19.80 8.40 -35.12
N ALA A 456 -20.26 8.58 -33.89
CA ALA A 456 -20.02 9.84 -33.20
C ALA A 456 -18.53 10.03 -32.92
N LEU A 457 -17.84 8.94 -32.55
CA LEU A 457 -16.41 9.03 -32.29
C LEU A 457 -15.64 9.38 -33.55
N GLN A 458 -16.16 9.00 -34.73
CA GLN A 458 -15.54 9.41 -35.99
C GLN A 458 -15.25 10.92 -35.99
N ARG A 459 -16.00 11.69 -35.21
CA ARG A 459 -15.82 13.14 -35.10
C ARG A 459 -15.46 13.46 -33.65
N HIS A 460 -14.28 13.02 -33.22
CA HIS A 460 -13.82 13.23 -31.86
C HIS A 460 -12.57 14.12 -31.87
N GLU A 461 -12.36 14.79 -30.74
CA GLU A 461 -11.24 15.72 -30.63
C GLU A 461 -9.90 14.99 -30.74
N ASN A 462 -9.78 13.84 -30.10
CA ASN A 462 -8.52 13.11 -30.11
C ASN A 462 -8.25 12.54 -31.49
N GLU A 463 -6.97 12.52 -31.87
CA GLU A 463 -6.61 12.06 -33.21
C GLU A 463 -6.81 10.55 -33.34
N SER A 464 -6.27 9.77 -32.41
CA SER A 464 -6.36 8.32 -32.53
C SER A 464 -7.79 7.83 -32.35
N VAL A 465 -8.59 8.54 -31.55
CA VAL A 465 -9.99 8.15 -31.38
C VAL A 465 -10.71 8.17 -32.73
N TYR A 466 -10.67 9.32 -33.41
CA TYR A 466 -11.38 9.42 -34.69
C TYR A 466 -10.72 8.53 -35.74
N LYS A 467 -9.39 8.37 -35.69
CA LYS A 467 -8.73 7.48 -36.64
C LYS A 467 -9.24 6.05 -36.49
N ALA A 468 -9.25 5.54 -35.26
CA ALA A 468 -9.68 4.16 -35.03
C ALA A 468 -11.16 3.99 -35.35
N SER A 469 -12.00 4.97 -35.00
CA SER A 469 -13.42 4.84 -35.29
C SER A 469 -13.68 4.86 -36.79
N LEU A 470 -13.03 5.77 -37.52
CA LEU A 470 -13.15 5.79 -38.96
C LEU A 470 -12.68 4.47 -39.57
N ASN A 471 -11.56 3.94 -39.08
CA ASN A 471 -11.06 2.67 -39.61
C ASN A 471 -12.05 1.55 -39.34
N LEU A 472 -12.66 1.53 -38.16
CA LEU A 472 -13.61 0.47 -37.83
C LEU A 472 -14.84 0.55 -38.74
N ILE A 473 -15.38 1.75 -38.93
CA ILE A 473 -16.57 1.88 -39.78
C ILE A 473 -16.23 1.57 -41.22
N GLU A 474 -15.08 2.06 -41.71
CA GLU A 474 -14.68 1.83 -43.09
C GLU A 474 -14.46 0.35 -43.35
N LYS A 475 -13.61 -0.29 -42.54
CA LYS A 475 -13.28 -1.69 -42.72
C LYS A 475 -14.40 -2.63 -42.28
N TYR A 476 -15.34 -2.15 -41.48
CA TYR A 476 -16.46 -2.97 -41.00
C TYR A 476 -17.75 -2.16 -41.01
N THR B 15 -4.15 2.85 3.52
CA THR B 15 -2.76 2.71 3.94
C THR B 15 -2.61 3.02 5.42
N PRO B 16 -1.68 2.35 6.11
CA PRO B 16 -1.41 2.70 7.50
C PRO B 16 -0.95 4.14 7.60
N PRO B 17 -1.09 4.76 8.77
CA PRO B 17 -0.62 6.15 8.93
C PRO B 17 0.89 6.21 8.81
N LYS B 18 1.37 7.23 8.09
CA LYS B 18 2.81 7.47 8.04
C LYS B 18 3.35 7.86 9.41
N LYS B 19 2.56 8.56 10.22
CA LYS B 19 2.95 8.95 11.56
C LYS B 19 1.76 8.76 12.49
N LYS B 20 2.05 8.49 13.77
CA LYS B 20 1.02 8.27 14.78
C LYS B 20 1.34 9.09 16.01
N LYS B 21 0.31 9.74 16.56
CA LYS B 21 0.42 10.44 17.83
C LYS B 21 -0.01 9.49 18.95
N LYS B 22 0.78 9.47 20.03
CA LYS B 22 0.45 8.69 21.21
C LYS B 22 -0.41 9.54 22.14
N VAL B 23 -1.59 9.04 22.48
CA VAL B 23 -2.50 9.76 23.37
C VAL B 23 -2.82 8.90 24.59
#